data_7A9C
#
_entry.id   7A9C
#
_cell.length_a   55.270
_cell.length_b   71.930
_cell.length_c   180.130
_cell.angle_alpha   90.000
_cell.angle_beta   90.000
_cell.angle_gamma   90.000
#
_symmetry.space_group_name_H-M   'P 21 21 21'
#
loop_
_entity.id
_entity.type
_entity.pdbx_description
1 polymer Albumin
2 non-polymer 'YTTRIUM (III) ION'
#
_entity_poly.entity_id   1
_entity_poly.type   'polypeptide(L)'
_entity_poly.pdbx_seq_one_letter_code
;DAHKSEVAHRFKDLGEENFKALVLIAFAQYLQQCPFEDHVKLVNEVTEFAKTCVADESAENCDKSLHTLFGDKLCTVATL
RETYGEMADCCAKQEPERNECFLQHKDDNPNLPRLVRPEVDVMCTAFHDNEETFLKKYLYEIARRHPYFYAPELLFFAKR
YKAAFTECCQAADKAACLLPKLDELRDEGKASSAKQRLKCASLQKFGERAFKAWAVARLSQRFPKAEFAEVSKLVTDLTK
VHTECCHGDLLECADDRADLAKYICENQDSISSKLKECCEKPLLEKSHCIAEVENDEMPADLPSLAADFVESKDVCKNYA
EAKDVFLGMFLYEYARRHPDYSVVLLLRLAKTYETTLEKCCAAADPHECYAKVFDEFKPLVEEPQNLIKQNCELFEQLGE
YKFQNALLVRYTKKVPQVSTPTLVEVSRNLGKVGSKCCKHPEAKRMPCAEDYLSVVLNQLCVLHEKTPVSDRVTKCCTES
LVNRRPCFSALEVDETYVPKEFNAETFTFHADICTLSEKEEQIKKQTALVELVKHKPKATKEQLKAVMDDFAAFVEKCCK
ADDKETCFAEEGKKLVAASQAALGL
;
_entity_poly.pdbx_strand_id   AAA
#
loop_
_chem_comp.id
_chem_comp.type
_chem_comp.name
_chem_comp.formula
YT3 non-polymer 'YTTRIUM (III) ION' 'Y 3'
#
# COMPACT_ATOMS: atom_id res chain seq x y z
N HIS A 3 -22.35 -10.79 -27.36
CA HIS A 3 -23.67 -11.24 -27.91
C HIS A 3 -24.77 -10.23 -27.52
N LYS A 4 -26.03 -10.54 -27.82
CA LYS A 4 -27.21 -9.69 -27.51
C LYS A 4 -27.15 -9.30 -26.03
N SER A 5 -27.03 -10.29 -25.15
CA SER A 5 -26.92 -10.14 -23.68
C SER A 5 -25.45 -10.08 -23.26
N GLU A 6 -25.12 -9.30 -22.23
CA GLU A 6 -23.74 -9.17 -21.69
C GLU A 6 -23.55 -10.18 -20.53
N VAL A 7 -24.59 -10.41 -19.73
CA VAL A 7 -24.57 -11.35 -18.58
C VAL A 7 -24.02 -12.70 -19.07
N ALA A 8 -24.63 -13.26 -20.12
CA ALA A 8 -24.24 -14.54 -20.75
C ALA A 8 -22.73 -14.52 -21.03
N HIS A 9 -22.26 -13.56 -21.82
CA HIS A 9 -20.83 -13.40 -22.20
C HIS A 9 -19.97 -13.43 -20.93
N ARG A 10 -20.21 -12.50 -20.01
CA ARG A 10 -19.45 -12.37 -18.74
C ARG A 10 -19.41 -13.72 -18.02
N PHE A 11 -20.58 -14.33 -17.81
CA PHE A 11 -20.70 -15.67 -17.17
C PHE A 11 -19.74 -16.63 -17.87
N LYS A 12 -19.85 -16.73 -19.20
CA LYS A 12 -19.08 -17.66 -20.06
C LYS A 12 -17.63 -17.17 -20.24
N ASP A 13 -17.39 -15.86 -20.08
CA ASP A 13 -16.06 -15.21 -20.27
C ASP A 13 -15.25 -15.29 -18.98
N LEU A 14 -15.83 -15.83 -17.90
CA LEU A 14 -15.28 -15.72 -16.52
C LEU A 14 -15.33 -17.10 -15.82
N GLY A 15 -16.53 -17.65 -15.62
CA GLY A 15 -16.76 -18.94 -14.94
C GLY A 15 -17.78 -18.81 -13.83
N GLU A 16 -18.66 -19.81 -13.69
CA GLU A 16 -19.80 -19.82 -12.74
C GLU A 16 -19.33 -19.46 -11.33
N GLU A 17 -18.30 -20.16 -10.82
CA GLU A 17 -17.82 -20.04 -9.43
C GLU A 17 -17.22 -18.64 -9.20
N ASN A 18 -16.48 -18.12 -10.19
CA ASN A 18 -15.86 -16.76 -10.14
C ASN A 18 -16.94 -15.69 -10.32
N PHE A 19 -17.93 -15.93 -11.20
CA PHE A 19 -19.10 -15.06 -11.41
C PHE A 19 -19.90 -14.92 -10.10
N LYS A 20 -20.13 -16.04 -9.41
CA LYS A 20 -20.88 -16.10 -8.13
C LYS A 20 -20.12 -15.37 -7.03
N ALA A 21 -18.78 -15.34 -7.10
CA ALA A 21 -17.91 -14.66 -6.12
C ALA A 21 -17.98 -13.14 -6.34
N LEU A 22 -17.74 -12.68 -7.57
CA LEU A 22 -17.75 -11.23 -7.91
C LEU A 22 -19.11 -10.62 -7.59
N VAL A 23 -20.20 -11.29 -7.98
CA VAL A 23 -21.61 -10.89 -7.68
C VAL A 23 -21.75 -10.75 -6.16
N LEU A 24 -21.28 -11.72 -5.39
CA LEU A 24 -21.30 -11.69 -3.90
C LEU A 24 -20.60 -10.43 -3.40
N ILE A 25 -19.38 -10.16 -3.88
CA ILE A 25 -18.57 -9.00 -3.41
C ILE A 25 -19.27 -7.70 -3.83
N ALA A 26 -19.73 -7.64 -5.09
CA ALA A 26 -20.40 -6.46 -5.70
C ALA A 26 -21.57 -6.00 -4.82
N PHE A 27 -22.43 -6.93 -4.40
CA PHE A 27 -23.65 -6.66 -3.59
C PHE A 27 -23.27 -6.39 -2.13
N ALA A 28 -22.29 -7.13 -1.60
CA ALA A 28 -21.78 -7.02 -0.21
C ALA A 28 -21.18 -5.64 0.04
N GLN A 29 -20.61 -5.02 -0.99
CA GLN A 29 -19.93 -3.70 -0.90
C GLN A 29 -20.97 -2.59 -0.72
N TYR A 30 -22.18 -2.75 -1.24
CA TYR A 30 -23.32 -1.79 -1.11
C TYR A 30 -24.15 -2.18 0.12
N LEU A 31 -24.75 -3.37 0.10
CA LEU A 31 -25.60 -3.90 1.21
C LEU A 31 -24.69 -4.44 2.32
N GLN A 32 -24.08 -3.54 3.09
CA GLN A 32 -23.05 -3.85 4.11
C GLN A 32 -23.72 -4.25 5.44
N GLN A 33 -25.05 -4.44 5.44
CA GLN A 33 -25.88 -4.72 6.64
C GLN A 33 -26.56 -6.08 6.51
N CYS A 34 -27.16 -6.37 5.35
CA CYS A 34 -27.93 -7.61 5.06
C CYS A 34 -27.09 -8.84 5.41
N PRO A 35 -27.58 -9.77 6.26
CA PRO A 35 -26.83 -10.97 6.64
C PRO A 35 -26.38 -11.86 5.46
N PHE A 36 -25.38 -12.71 5.71
CA PHE A 36 -24.71 -13.61 4.72
C PHE A 36 -25.76 -14.39 3.92
N GLU A 37 -26.72 -15.02 4.61
CA GLU A 37 -27.75 -15.91 4.01
C GLU A 37 -28.55 -15.13 2.95
N ASP A 38 -28.81 -13.85 3.19
CA ASP A 38 -29.57 -12.95 2.29
C ASP A 38 -28.81 -12.81 0.97
N HIS A 39 -27.50 -12.50 1.03
CA HIS A 39 -26.61 -12.33 -0.15
C HIS A 39 -26.59 -13.62 -0.98
N VAL A 40 -26.46 -14.78 -0.33
CA VAL A 40 -26.41 -16.11 -1.00
C VAL A 40 -27.65 -16.24 -1.90
N LYS A 41 -28.81 -15.85 -1.37
CA LYS A 41 -30.12 -15.85 -2.11
C LYS A 41 -30.02 -14.88 -3.28
N LEU A 42 -29.50 -13.66 -3.04
CA LEU A 42 -29.25 -12.62 -4.08
C LEU A 42 -28.35 -13.16 -5.20
N VAL A 43 -27.27 -13.86 -4.83
CA VAL A 43 -26.26 -14.41 -5.77
C VAL A 43 -26.93 -15.49 -6.63
N ASN A 44 -27.63 -16.43 -5.99
CA ASN A 44 -28.31 -17.59 -6.65
C ASN A 44 -29.35 -17.08 -7.67
N GLU A 45 -30.21 -16.14 -7.27
CA GLU A 45 -31.22 -15.49 -8.15
C GLU A 45 -30.55 -14.93 -9.41
N VAL A 46 -29.44 -14.20 -9.23
CA VAL A 46 -28.65 -13.56 -10.32
C VAL A 46 -28.03 -14.66 -11.19
N THR A 47 -27.45 -15.70 -10.57
CA THR A 47 -26.76 -16.83 -11.25
C THR A 47 -27.76 -17.53 -12.18
N GLU A 48 -28.89 -17.98 -11.63
CA GLU A 48 -30.01 -18.64 -12.35
C GLU A 48 -30.49 -17.73 -13.49
N PHE A 49 -30.61 -16.42 -13.24
CA PHE A 49 -31.01 -15.38 -14.23
C PHE A 49 -30.00 -15.39 -15.38
N ALA A 50 -28.72 -15.46 -15.07
CA ALA A 50 -27.60 -15.46 -16.04
C ALA A 50 -27.62 -16.77 -16.84
N LYS A 51 -28.04 -17.89 -16.23
CA LYS A 51 -28.22 -19.20 -16.91
C LYS A 51 -29.34 -19.07 -17.94
N THR A 52 -30.43 -18.39 -17.57
CA THR A 52 -31.59 -18.06 -18.45
C THR A 52 -31.11 -17.21 -19.62
N CYS A 53 -30.26 -16.21 -19.37
CA CYS A 53 -29.62 -15.34 -20.39
C CYS A 53 -28.67 -16.16 -21.26
N VAL A 54 -27.96 -17.13 -20.66
CA VAL A 54 -27.00 -18.05 -21.35
C VAL A 54 -27.78 -18.97 -22.30
N ALA A 55 -28.93 -19.48 -21.86
CA ALA A 55 -29.83 -20.38 -22.65
C ALA A 55 -30.52 -19.56 -23.74
N ASP A 56 -31.42 -18.66 -23.36
CA ASP A 56 -32.16 -17.74 -24.27
C ASP A 56 -31.39 -16.40 -24.34
N GLU A 57 -30.77 -16.11 -25.49
CA GLU A 57 -29.94 -14.91 -25.74
C GLU A 57 -30.82 -13.64 -25.77
N SER A 58 -32.15 -13.78 -25.65
CA SER A 58 -33.11 -12.66 -25.57
C SER A 58 -34.36 -13.09 -24.78
N ALA A 59 -34.18 -13.39 -23.49
CA ALA A 59 -35.28 -13.63 -22.51
C ALA A 59 -35.71 -12.27 -21.91
N GLU A 60 -36.58 -12.29 -20.90
CA GLU A 60 -37.15 -11.06 -20.29
C GLU A 60 -36.04 -10.31 -19.54
N ASN A 61 -35.61 -9.16 -20.10
CA ASN A 61 -34.63 -8.21 -19.51
C ASN A 61 -33.23 -8.83 -19.53
N CYS A 62 -32.85 -9.48 -20.63
CA CYS A 62 -31.55 -10.20 -20.79
C CYS A 62 -30.53 -9.37 -21.58
N ASP A 63 -30.98 -8.48 -22.46
CA ASP A 63 -30.12 -7.63 -23.33
C ASP A 63 -29.78 -6.31 -22.63
N LYS A 64 -30.29 -6.11 -21.41
CA LYS A 64 -30.05 -4.90 -20.56
C LYS A 64 -28.57 -4.85 -20.18
N SER A 65 -28.04 -3.63 -19.95
CA SER A 65 -26.63 -3.39 -19.55
C SER A 65 -26.42 -3.87 -18.10
N LEU A 66 -25.17 -4.11 -17.72
CA LEU A 66 -24.76 -4.64 -16.40
C LEU A 66 -25.16 -3.64 -15.31
N HIS A 67 -24.82 -2.36 -15.52
CA HIS A 67 -25.20 -1.21 -14.64
C HIS A 67 -26.71 -1.24 -14.39
N THR A 68 -27.50 -1.30 -15.46
CA THR A 68 -28.99 -1.35 -15.40
C THR A 68 -29.40 -2.55 -14.55
N LEU A 69 -29.05 -3.76 -15.00
CA LEU A 69 -29.41 -5.05 -14.35
C LEU A 69 -29.02 -4.98 -12.87
N PHE A 70 -27.78 -4.59 -12.57
CA PHE A 70 -27.23 -4.50 -11.19
C PHE A 70 -28.12 -3.59 -10.35
N GLY A 71 -28.41 -2.38 -10.85
CA GLY A 71 -29.28 -1.39 -10.18
C GLY A 71 -30.65 -1.97 -9.88
N ASP A 72 -31.31 -2.54 -10.90
CA ASP A 72 -32.68 -3.13 -10.79
C ASP A 72 -32.71 -4.08 -9.59
N LYS A 73 -31.76 -5.02 -9.52
CA LYS A 73 -31.68 -6.03 -8.44
C LYS A 73 -31.39 -5.33 -7.10
N LEU A 74 -30.59 -4.26 -7.13
CA LEU A 74 -30.19 -3.50 -5.91
C LEU A 74 -31.44 -2.79 -5.33
N CYS A 75 -32.35 -2.34 -6.18
CA CYS A 75 -33.62 -1.66 -5.79
C CYS A 75 -34.67 -2.68 -5.32
N THR A 76 -34.48 -3.96 -5.65
CA THR A 76 -35.40 -5.08 -5.30
C THR A 76 -35.39 -5.29 -3.78
N VAL A 77 -34.24 -5.11 -3.13
CA VAL A 77 -34.08 -5.27 -1.65
C VAL A 77 -35.20 -4.49 -0.96
N ALA A 78 -35.94 -5.16 -0.07
CA ALA A 78 -37.06 -4.58 0.71
C ALA A 78 -36.52 -3.46 1.62
N THR A 79 -35.84 -3.81 2.71
CA THR A 79 -35.34 -2.86 3.73
C THR A 79 -34.10 -2.16 3.16
N LEU A 80 -34.31 -1.14 2.32
CA LEU A 80 -33.22 -0.37 1.66
C LEU A 80 -33.12 1.02 2.32
N ARG A 81 -34.17 1.83 2.27
CA ARG A 81 -34.20 3.16 2.93
C ARG A 81 -34.38 3.01 4.44
N GLU A 82 -34.88 1.86 4.87
CA GLU A 82 -35.17 1.53 6.30
C GLU A 82 -33.88 1.10 7.02
N THR A 83 -32.75 0.99 6.31
CA THR A 83 -31.48 0.43 6.83
C THR A 83 -30.28 1.36 6.55
N TYR A 84 -30.05 1.73 5.28
CA TYR A 84 -28.83 2.45 4.82
C TYR A 84 -29.08 3.98 4.80
N GLY A 85 -30.33 4.39 4.62
CA GLY A 85 -30.77 5.80 4.72
C GLY A 85 -30.96 6.45 3.36
N GLU A 86 -30.08 7.39 3.01
CA GLU A 86 -30.18 8.27 1.81
C GLU A 86 -29.95 7.46 0.52
N MET A 87 -29.37 6.26 0.61
CA MET A 87 -29.01 5.40 -0.55
C MET A 87 -30.26 5.05 -1.35
N ALA A 88 -31.44 5.05 -0.71
CA ALA A 88 -32.72 4.62 -1.31
C ALA A 88 -33.26 5.66 -2.30
N ASP A 89 -32.92 6.94 -2.12
CA ASP A 89 -33.32 8.05 -3.03
C ASP A 89 -32.77 7.77 -4.44
N CYS A 90 -31.67 7.01 -4.52
CA CYS A 90 -31.01 6.55 -5.76
C CYS A 90 -31.89 5.56 -6.52
N CYS A 91 -32.68 4.77 -5.79
CA CYS A 91 -33.60 3.75 -6.37
C CYS A 91 -34.81 4.41 -7.03
N ALA A 92 -35.00 5.72 -6.81
CA ALA A 92 -36.07 6.54 -7.43
C ALA A 92 -35.55 7.29 -8.66
N LYS A 93 -34.27 7.12 -9.01
CA LYS A 93 -33.62 7.76 -10.19
C LYS A 93 -33.64 6.79 -11.39
N GLN A 94 -33.10 7.23 -12.53
CA GLN A 94 -32.94 6.42 -13.76
C GLN A 94 -31.45 6.38 -14.15
N GLU A 95 -31.10 5.48 -15.08
CA GLU A 95 -29.71 5.29 -15.60
C GLU A 95 -29.40 6.41 -16.59
N PRO A 96 -28.15 6.94 -16.65
CA PRO A 96 -27.03 6.46 -15.86
C PRO A 96 -26.81 7.19 -14.53
N GLU A 97 -27.77 8.01 -14.09
CA GLU A 97 -27.68 8.84 -12.85
C GLU A 97 -27.83 7.94 -11.61
N ARG A 98 -28.64 6.87 -11.70
CA ARG A 98 -28.92 5.92 -10.59
C ARG A 98 -27.61 5.29 -10.10
N ASN A 99 -26.74 4.84 -11.02
CA ASN A 99 -25.43 4.22 -10.69
C ASN A 99 -24.55 5.28 -10.03
N GLU A 100 -24.51 6.48 -10.61
CA GLU A 100 -23.75 7.66 -10.10
C GLU A 100 -24.18 7.96 -8.66
N CYS A 101 -25.49 7.94 -8.42
CA CYS A 101 -26.11 8.08 -7.08
C CYS A 101 -25.48 7.03 -6.16
N PHE A 102 -25.81 5.75 -6.36
CA PHE A 102 -25.30 4.59 -5.55
C PHE A 102 -23.84 4.83 -5.16
N LEU A 103 -22.99 5.15 -6.15
CA LEU A 103 -21.53 5.42 -5.99
C LEU A 103 -21.30 6.52 -4.95
N GLN A 104 -22.08 7.61 -5.00
CA GLN A 104 -21.97 8.76 -4.07
C GLN A 104 -22.22 8.25 -2.63
N HIS A 105 -23.39 7.66 -2.36
CA HIS A 105 -23.81 7.18 -1.02
C HIS A 105 -23.13 5.85 -0.74
N LYS A 106 -21.84 5.88 -0.40
CA LYS A 106 -21.02 4.68 -0.11
C LYS A 106 -19.98 5.01 0.97
N ASP A 107 -20.38 5.70 2.04
CA ASP A 107 -19.47 6.05 3.18
C ASP A 107 -18.81 4.75 3.67
N ASP A 108 -17.53 4.56 3.28
CA ASP A 108 -16.72 3.35 3.61
C ASP A 108 -16.11 3.52 5.00
N ASN A 109 -16.95 3.69 6.03
CA ASN A 109 -16.49 3.71 7.44
C ASN A 109 -17.60 3.21 8.39
N PRO A 110 -18.52 2.32 7.95
CA PRO A 110 -19.58 1.82 8.83
C PRO A 110 -19.02 0.85 9.89
N ASN A 111 -18.89 1.33 11.13
CA ASN A 111 -18.34 0.54 12.27
C ASN A 111 -19.09 -0.79 12.35
N LEU A 112 -18.38 -1.90 12.08
CA LEU A 112 -18.93 -3.29 12.10
C LEU A 112 -18.26 -4.07 13.22
N PRO A 113 -18.92 -5.12 13.78
CA PRO A 113 -18.33 -5.92 14.85
C PRO A 113 -16.93 -6.42 14.48
N ARG A 114 -15.94 -6.20 15.35
CA ARG A 114 -14.51 -6.54 15.08
C ARG A 114 -14.43 -8.02 14.65
N LEU A 115 -13.53 -8.34 13.73
CA LEU A 115 -13.34 -9.71 13.19
C LEU A 115 -13.09 -10.65 14.38
N VAL A 116 -13.91 -11.71 14.51
CA VAL A 116 -13.88 -12.69 15.63
C VAL A 116 -13.21 -13.97 15.10
N ARG A 117 -11.90 -14.13 15.36
CA ARG A 117 -11.09 -15.28 14.90
C ARG A 117 -11.13 -16.37 15.97
N PRO A 118 -11.91 -17.47 15.78
CA PRO A 118 -12.01 -18.53 16.78
C PRO A 118 -10.72 -19.36 16.86
N GLU A 119 -10.75 -20.47 17.63
CA GLU A 119 -9.62 -21.43 17.76
C GLU A 119 -9.32 -22.02 16.37
N VAL A 120 -8.14 -22.63 16.22
CA VAL A 120 -7.60 -23.10 14.89
C VAL A 120 -8.36 -24.33 14.41
N ASP A 121 -8.98 -25.09 15.33
CA ASP A 121 -9.63 -26.40 15.04
C ASP A 121 -11.06 -26.20 14.57
N VAL A 122 -11.79 -25.25 15.16
CA VAL A 122 -13.21 -24.92 14.84
C VAL A 122 -13.29 -24.41 13.39
N MET A 123 -12.32 -23.57 12.98
CA MET A 123 -12.25 -23.01 11.60
C MET A 123 -11.96 -24.15 10.62
N CYS A 124 -10.92 -24.96 10.90
CA CYS A 124 -10.48 -26.12 10.08
C CYS A 124 -11.65 -27.10 9.90
N THR A 125 -12.39 -27.40 10.97
CA THR A 125 -13.57 -28.30 10.95
C THR A 125 -14.66 -27.71 10.04
N ALA A 126 -14.93 -26.41 10.18
CA ALA A 126 -15.94 -25.65 9.39
C ALA A 126 -15.49 -25.57 7.92
N PHE A 127 -14.21 -25.33 7.68
CA PHE A 127 -13.57 -25.32 6.34
C PHE A 127 -13.83 -26.65 5.64
N HIS A 128 -13.46 -27.77 6.28
CA HIS A 128 -13.54 -29.15 5.72
C HIS A 128 -15.00 -29.53 5.43
N ASP A 129 -15.92 -29.23 6.36
CA ASP A 129 -17.38 -29.51 6.25
C ASP A 129 -17.94 -28.85 4.99
N ASN A 130 -17.53 -27.61 4.69
CA ASN A 130 -18.08 -26.78 3.58
C ASN A 130 -17.02 -25.75 3.14
N GLU A 131 -16.07 -26.20 2.30
CA GLU A 131 -14.98 -25.35 1.74
C GLU A 131 -15.59 -24.17 0.99
N GLU A 132 -16.58 -24.43 0.12
CA GLU A 132 -17.25 -23.43 -0.75
C GLU A 132 -17.78 -22.27 0.11
N THR A 133 -18.68 -22.57 1.06
CA THR A 133 -19.43 -21.57 1.86
C THR A 133 -18.50 -20.90 2.89
N PHE A 134 -17.43 -21.56 3.33
CA PHE A 134 -16.42 -21.01 4.27
C PHE A 134 -15.67 -19.83 3.62
N LEU A 135 -15.38 -19.96 2.32
CA LEU A 135 -14.70 -18.91 1.50
C LEU A 135 -15.72 -17.85 1.07
N LYS A 136 -16.98 -18.24 0.89
CA LYS A 136 -18.11 -17.30 0.62
C LYS A 136 -18.29 -16.37 1.81
N LYS A 137 -18.24 -16.89 3.04
CA LYS A 137 -18.43 -16.10 4.29
C LYS A 137 -17.22 -15.20 4.48
N TYR A 138 -16.03 -15.65 4.06
CA TYR A 138 -14.77 -14.88 4.10
C TYR A 138 -14.91 -13.61 3.25
N LEU A 139 -15.34 -13.76 1.99
CA LEU A 139 -15.53 -12.64 1.03
C LEU A 139 -16.55 -11.64 1.60
N TYR A 140 -17.72 -12.12 2.01
CA TYR A 140 -18.83 -11.32 2.58
C TYR A 140 -18.28 -10.40 3.68
N GLU A 141 -17.63 -10.98 4.69
CA GLU A 141 -17.15 -10.25 5.90
C GLU A 141 -16.09 -9.21 5.49
N ILE A 142 -15.20 -9.55 4.55
CA ILE A 142 -14.12 -8.64 4.05
C ILE A 142 -14.78 -7.53 3.20
N ALA A 143 -15.63 -7.92 2.24
CA ALA A 143 -16.28 -7.02 1.25
C ALA A 143 -16.95 -5.84 1.95
N ARG A 144 -17.81 -6.13 2.94
CA ARG A 144 -18.59 -5.12 3.71
C ARG A 144 -17.67 -4.27 4.59
N ARG A 145 -16.47 -4.76 4.89
CA ARG A 145 -15.43 -4.05 5.71
C ARG A 145 -14.54 -3.17 4.81
N HIS A 146 -14.41 -3.52 3.53
CA HIS A 146 -13.59 -2.77 2.53
C HIS A 146 -14.43 -2.51 1.28
N PRO A 147 -15.42 -1.59 1.36
CA PRO A 147 -16.31 -1.31 0.23
C PRO A 147 -15.64 -0.87 -1.08
N TYR A 148 -14.45 -0.26 -1.00
CA TYR A 148 -13.70 0.27 -2.17
C TYR A 148 -12.57 -0.68 -2.59
N PHE A 149 -12.50 -1.87 -1.99
CA PHE A 149 -11.50 -2.92 -2.31
C PHE A 149 -11.91 -3.60 -3.63
N TYR A 150 -11.03 -3.55 -4.64
CA TYR A 150 -11.27 -4.07 -6.02
C TYR A 150 -11.59 -5.56 -5.95
N ALA A 151 -12.85 -5.92 -6.23
CA ALA A 151 -13.43 -7.28 -6.03
C ALA A 151 -12.49 -8.36 -6.55
N PRO A 152 -11.98 -8.26 -7.81
CA PRO A 152 -11.05 -9.26 -8.33
C PRO A 152 -9.80 -9.45 -7.46
N GLU A 153 -9.25 -8.36 -6.92
CA GLU A 153 -8.05 -8.36 -6.04
C GLU A 153 -8.37 -9.14 -4.75
N LEU A 154 -9.63 -9.07 -4.30
CA LEU A 154 -10.13 -9.76 -3.09
C LEU A 154 -10.24 -11.26 -3.35
N LEU A 155 -10.39 -11.64 -4.63
CA LEU A 155 -10.53 -13.03 -5.10
C LEU A 155 -9.16 -13.74 -5.00
N PHE A 156 -8.08 -13.03 -5.28
CA PHE A 156 -6.68 -13.54 -5.14
C PHE A 156 -6.31 -13.65 -3.66
N PHE A 157 -6.96 -12.86 -2.80
CA PHE A 157 -6.79 -12.93 -1.32
C PHE A 157 -7.55 -14.14 -0.76
N ALA A 158 -8.66 -14.52 -1.40
CA ALA A 158 -9.48 -15.70 -1.05
C ALA A 158 -8.78 -16.98 -1.51
N LYS A 159 -8.12 -16.94 -2.67
CA LYS A 159 -7.38 -18.10 -3.25
C LYS A 159 -6.23 -18.49 -2.31
N ARG A 160 -5.53 -17.50 -1.74
CA ARG A 160 -4.42 -17.72 -0.77
C ARG A 160 -5.02 -18.24 0.55
N TYR A 161 -6.16 -17.68 0.96
CA TYR A 161 -6.88 -18.06 2.20
C TYR A 161 -7.18 -19.56 2.17
N LYS A 162 -7.65 -20.05 1.02
CA LYS A 162 -7.98 -21.48 0.81
C LYS A 162 -6.70 -22.33 0.94
N ALA A 163 -5.65 -21.95 0.20
CA ALA A 163 -4.34 -22.65 0.15
C ALA A 163 -3.77 -22.79 1.56
N ALA A 164 -3.79 -21.70 2.34
CA ALA A 164 -3.33 -21.63 3.75
C ALA A 164 -4.09 -22.68 4.58
N PHE A 165 -5.42 -22.65 4.52
CA PHE A 165 -6.34 -23.56 5.26
C PHE A 165 -6.23 -25.00 4.73
N THR A 166 -5.99 -25.18 3.42
CA THR A 166 -5.92 -26.51 2.74
C THR A 166 -4.72 -27.30 3.29
N GLU A 167 -3.61 -26.62 3.57
CA GLU A 167 -2.31 -27.22 3.96
C GLU A 167 -2.21 -27.31 5.49
N CYS A 168 -2.51 -26.21 6.19
CA CYS A 168 -2.25 -26.03 7.65
C CYS A 168 -3.25 -26.82 8.50
N CYS A 169 -4.43 -27.14 7.97
CA CYS A 169 -5.48 -27.93 8.69
C CYS A 169 -5.17 -29.43 8.61
N GLN A 170 -4.15 -29.82 7.85
CA GLN A 170 -3.74 -31.23 7.62
C GLN A 170 -2.51 -31.57 8.46
N ALA A 171 -1.62 -30.60 8.70
CA ALA A 171 -0.35 -30.75 9.45
C ALA A 171 -0.64 -31.03 10.94
N ALA A 172 0.41 -31.41 11.68
CA ALA A 172 0.36 -31.79 13.11
C ALA A 172 -0.04 -30.58 13.96
N ASP A 173 0.85 -29.57 14.06
CA ASP A 173 0.60 -28.29 14.75
C ASP A 173 -0.04 -27.32 13.74
N LYS A 174 -1.38 -27.26 13.74
CA LYS A 174 -2.19 -26.45 12.79
C LYS A 174 -1.99 -24.95 13.07
N ALA A 175 -1.81 -24.58 14.34
CA ALA A 175 -1.61 -23.18 14.80
C ALA A 175 -0.21 -22.69 14.41
N ALA A 176 0.78 -23.59 14.31
CA ALA A 176 2.18 -23.28 13.94
C ALA A 176 2.35 -23.39 12.41
N CYS A 177 1.27 -23.14 11.66
CA CYS A 177 1.22 -23.15 10.17
C CYS A 177 0.24 -22.09 9.67
N LEU A 178 -0.99 -22.09 10.23
CA LEU A 178 -2.12 -21.23 9.80
C LEU A 178 -1.97 -19.80 10.36
N LEU A 179 -1.97 -19.65 11.69
CA LEU A 179 -1.91 -18.34 12.39
C LEU A 179 -0.87 -17.41 11.75
N PRO A 180 0.40 -17.84 11.59
CA PRO A 180 1.41 -17.00 10.92
C PRO A 180 1.01 -16.65 9.48
N LYS A 181 0.49 -17.61 8.71
CA LYS A 181 0.04 -17.42 7.30
C LYS A 181 -1.16 -16.47 7.26
N LEU A 182 -2.09 -16.57 8.22
CA LEU A 182 -3.31 -15.73 8.30
C LEU A 182 -2.92 -14.28 8.59
N ASP A 183 -1.99 -14.06 9.53
CA ASP A 183 -1.50 -12.72 9.96
C ASP A 183 -0.85 -12.02 8.77
N GLU A 184 -0.02 -12.74 8.01
CA GLU A 184 0.69 -12.23 6.80
C GLU A 184 -0.33 -11.70 5.79
N LEU A 185 -1.39 -12.48 5.50
CA LEU A 185 -2.48 -12.08 4.57
C LEU A 185 -3.15 -10.81 5.07
N ARG A 186 -3.52 -10.77 6.35
CA ARG A 186 -4.22 -9.62 6.98
C ARG A 186 -3.37 -8.36 6.83
N ASP A 187 -2.05 -8.46 7.04
CA ASP A 187 -1.07 -7.36 6.85
C ASP A 187 -0.98 -6.98 5.36
N GLU A 188 -0.88 -7.97 4.47
CA GLU A 188 -0.84 -7.78 2.99
C GLU A 188 -2.13 -7.12 2.50
N GLY A 189 -3.28 -7.48 3.09
CA GLY A 189 -4.61 -6.95 2.74
C GLY A 189 -4.74 -5.49 3.08
N LYS A 190 -4.34 -5.08 4.28
CA LYS A 190 -4.39 -3.67 4.76
C LYS A 190 -3.36 -2.84 4.00
N ALA A 191 -2.22 -3.44 3.65
CA ALA A 191 -1.12 -2.81 2.87
C ALA A 191 -1.62 -2.50 1.46
N SER A 192 -2.31 -3.45 0.83
CA SER A 192 -2.91 -3.31 -0.53
C SER A 192 -3.98 -2.21 -0.50
N SER A 193 -4.85 -2.23 0.52
CA SER A 193 -5.95 -1.26 0.73
C SER A 193 -5.36 0.16 0.83
N ALA A 194 -4.39 0.36 1.72
CA ALA A 194 -3.68 1.63 1.97
C ALA A 194 -3.13 2.20 0.66
N LYS A 195 -2.48 1.36 -0.15
CA LYS A 195 -1.85 1.74 -1.45
C LYS A 195 -2.91 2.29 -2.42
N GLN A 196 -4.07 1.61 -2.54
CA GLN A 196 -5.18 2.05 -3.43
C GLN A 196 -5.68 3.43 -2.98
N ARG A 197 -5.90 3.62 -1.67
CA ARG A 197 -6.47 4.86 -1.10
C ARG A 197 -5.44 5.99 -1.19
N LEU A 198 -4.15 5.66 -1.19
CA LEU A 198 -3.05 6.65 -1.35
C LEU A 198 -3.00 7.10 -2.81
N LYS A 199 -2.97 6.14 -3.74
CA LYS A 199 -3.02 6.38 -5.21
C LYS A 199 -4.22 7.28 -5.54
N CYS A 200 -5.39 7.02 -4.95
CA CYS A 200 -6.65 7.78 -5.20
C CYS A 200 -6.55 9.19 -4.61
N ALA A 201 -6.14 9.33 -3.34
CA ALA A 201 -5.98 10.62 -2.64
C ALA A 201 -5.08 11.56 -3.46
N SER A 202 -4.01 11.00 -4.07
CA SER A 202 -3.02 11.73 -4.89
C SER A 202 -3.66 12.24 -6.19
N LEU A 203 -4.57 11.45 -6.76
CA LEU A 203 -5.34 11.81 -7.98
C LEU A 203 -6.22 13.01 -7.67
N GLN A 204 -6.87 13.02 -6.49
CA GLN A 204 -7.89 14.04 -6.11
C GLN A 204 -7.18 15.25 -5.46
N LYS A 205 -5.83 15.24 -5.44
CA LYS A 205 -4.97 16.35 -4.93
C LYS A 205 -4.21 17.02 -6.08
N PHE A 206 -3.44 16.25 -6.85
CA PHE A 206 -2.46 16.75 -7.86
C PHE A 206 -3.01 16.59 -9.29
N GLY A 207 -4.16 15.95 -9.46
CA GLY A 207 -4.89 15.87 -10.74
C GLY A 207 -4.35 14.80 -11.67
N GLU A 208 -4.91 14.68 -12.88
CA GLU A 208 -4.61 13.60 -13.86
C GLU A 208 -3.17 13.72 -14.34
N ARG A 209 -2.76 14.90 -14.81
CA ARG A 209 -1.41 15.17 -15.37
C ARG A 209 -0.34 14.64 -14.40
N ALA A 210 -0.53 14.84 -13.09
CA ALA A 210 0.38 14.39 -12.02
C ALA A 210 0.45 12.87 -12.01
N PHE A 211 -0.70 12.18 -12.07
CA PHE A 211 -0.76 10.70 -12.15
C PHE A 211 -0.05 10.22 -13.43
N LYS A 212 -0.39 10.83 -14.57
CA LYS A 212 0.22 10.52 -15.90
C LYS A 212 1.74 10.53 -15.77
N ALA A 213 2.31 11.57 -15.16
CA ALA A 213 3.77 11.72 -14.96
C ALA A 213 4.31 10.53 -14.16
N TRP A 214 3.62 10.14 -13.09
CA TRP A 214 4.00 9.01 -12.20
C TRP A 214 4.02 7.70 -13.02
N ALA A 215 2.99 7.50 -13.85
CA ALA A 215 2.77 6.27 -14.64
C ALA A 215 3.84 6.12 -15.72
N VAL A 216 4.15 7.20 -16.45
CA VAL A 216 5.19 7.24 -17.51
C VAL A 216 6.50 6.73 -16.92
N ALA A 217 6.95 7.34 -15.83
CA ALA A 217 8.20 7.02 -15.09
C ALA A 217 8.19 5.53 -14.72
N ARG A 218 7.05 5.01 -14.26
CA ARG A 218 6.92 3.62 -13.74
C ARG A 218 6.83 2.63 -14.90
N LEU A 219 6.01 2.91 -15.92
CA LEU A 219 5.83 2.01 -17.10
C LEU A 219 7.15 1.93 -17.89
N SER A 220 7.87 3.04 -18.00
CA SER A 220 9.19 3.12 -18.69
C SER A 220 10.22 2.23 -17.97
N GLN A 221 10.20 2.20 -16.64
CA GLN A 221 11.07 1.33 -15.80
C GLN A 221 10.77 -0.15 -16.09
N ARG A 222 9.48 -0.50 -16.24
CA ARG A 222 8.98 -1.89 -16.41
C ARG A 222 9.14 -2.34 -17.87
N PHE A 223 8.95 -1.43 -18.81
CA PHE A 223 8.98 -1.69 -20.27
C PHE A 223 10.03 -0.80 -20.92
N PRO A 224 11.34 -0.97 -20.60
CA PRO A 224 12.39 -0.11 -21.13
C PRO A 224 12.72 -0.29 -22.62
N LYS A 225 11.99 -1.15 -23.35
CA LYS A 225 12.11 -1.34 -24.82
C LYS A 225 10.96 -0.61 -25.53
N ALA A 226 9.72 -0.85 -25.10
CA ALA A 226 8.49 -0.22 -25.61
C ALA A 226 8.78 1.23 -26.02
N GLU A 227 8.50 1.58 -27.27
CA GLU A 227 8.65 2.96 -27.82
C GLU A 227 7.80 3.93 -26.99
N PHE A 228 8.24 5.19 -26.89
CA PHE A 228 7.56 6.25 -26.09
C PHE A 228 6.07 6.31 -26.46
N ALA A 229 5.75 6.29 -27.76
CA ALA A 229 4.37 6.39 -28.31
C ALA A 229 3.50 5.26 -27.74
N GLU A 230 4.09 4.09 -27.50
CA GLU A 230 3.43 2.90 -26.90
C GLU A 230 3.20 3.14 -25.40
N VAL A 231 4.23 3.58 -24.68
CA VAL A 231 4.19 3.86 -23.21
C VAL A 231 3.13 4.93 -22.92
N SER A 232 3.05 5.98 -23.75
CA SER A 232 2.05 7.08 -23.65
C SER A 232 0.63 6.50 -23.72
N LYS A 233 0.40 5.64 -24.72
CA LYS A 233 -0.92 5.01 -25.01
C LYS A 233 -1.32 4.12 -23.83
N LEU A 234 -0.37 3.39 -23.24
CA LEU A 234 -0.59 2.52 -22.05
C LEU A 234 -0.92 3.40 -20.84
N VAL A 235 -0.21 4.53 -20.69
CA VAL A 235 -0.42 5.52 -19.58
C VAL A 235 -1.80 6.16 -19.72
N THR A 236 -2.20 6.52 -20.95
CA THR A 236 -3.52 7.13 -21.24
C THR A 236 -4.63 6.17 -20.81
N ASP A 237 -4.48 4.87 -21.09
CA ASP A 237 -5.48 3.82 -20.72
C ASP A 237 -5.45 3.63 -19.21
N LEU A 238 -4.26 3.58 -18.62
CA LEU A 238 -4.06 3.37 -17.16
C LEU A 238 -4.70 4.52 -16.37
N THR A 239 -4.60 5.75 -16.88
CA THR A 239 -5.19 6.96 -16.23
C THR A 239 -6.71 6.81 -16.17
N LYS A 240 -7.35 6.48 -17.31
CA LYS A 240 -8.82 6.29 -17.42
C LYS A 240 -9.26 5.15 -16.49
N VAL A 241 -8.49 4.06 -16.46
CA VAL A 241 -8.77 2.86 -15.61
C VAL A 241 -8.70 3.29 -14.15
N HIS A 242 -7.68 4.06 -13.77
CA HIS A 242 -7.43 4.49 -12.37
C HIS A 242 -8.50 5.49 -11.94
N THR A 243 -8.99 6.31 -12.88
CA THR A 243 -10.01 7.35 -12.61
C THR A 243 -11.37 6.70 -12.31
N GLU A 244 -11.76 5.66 -13.06
CA GLU A 244 -13.06 4.96 -12.89
C GLU A 244 -13.02 4.09 -11.63
N CYS A 245 -11.85 3.62 -11.22
CA CYS A 245 -11.68 2.75 -10.02
C CYS A 245 -11.74 3.61 -8.76
N CYS A 246 -11.11 4.79 -8.77
CA CYS A 246 -11.09 5.75 -7.64
C CYS A 246 -12.49 6.36 -7.47
N HIS A 247 -13.18 6.62 -8.58
CA HIS A 247 -14.57 7.15 -8.63
C HIS A 247 -15.53 6.18 -7.93
N GLY A 248 -15.26 4.86 -8.05
CA GLY A 248 -15.95 3.80 -7.28
C GLY A 248 -16.75 2.84 -8.14
N ASP A 249 -16.54 2.86 -9.47
CA ASP A 249 -17.32 2.07 -10.45
C ASP A 249 -16.58 0.76 -10.77
N LEU A 250 -16.85 -0.29 -9.99
CA LEU A 250 -16.25 -1.66 -10.13
C LEU A 250 -16.49 -2.19 -11.56
N LEU A 251 -17.68 -1.95 -12.12
CA LEU A 251 -18.09 -2.50 -13.44
C LEU A 251 -17.20 -1.91 -14.54
N GLU A 252 -17.07 -0.58 -14.61
CA GLU A 252 -16.26 0.11 -15.65
C GLU A 252 -14.77 -0.11 -15.36
N CYS A 253 -14.37 -0.08 -14.08
CA CYS A 253 -12.98 -0.33 -13.60
C CYS A 253 -12.50 -1.70 -14.10
N ALA A 254 -13.27 -2.77 -13.84
CA ALA A 254 -12.93 -4.17 -14.18
C ALA A 254 -12.92 -4.39 -15.71
N ASP A 255 -13.77 -3.67 -16.44
CA ASP A 255 -13.87 -3.73 -17.92
C ASP A 255 -12.62 -3.08 -18.54
N ASP A 256 -12.30 -1.87 -18.10
CA ASP A 256 -11.18 -1.06 -18.64
C ASP A 256 -9.86 -1.78 -18.30
N ARG A 257 -9.77 -2.43 -17.14
CA ARG A 257 -8.59 -3.23 -16.73
C ARG A 257 -8.48 -4.46 -17.64
N ALA A 258 -9.60 -5.14 -17.90
CA ALA A 258 -9.66 -6.32 -18.81
C ALA A 258 -9.23 -5.90 -20.22
N ASP A 259 -9.79 -4.81 -20.74
CA ASP A 259 -9.47 -4.26 -22.09
C ASP A 259 -7.98 -3.97 -22.20
N LEU A 260 -7.38 -3.37 -21.16
CA LEU A 260 -5.94 -2.98 -21.12
C LEU A 260 -5.07 -4.25 -21.05
N ALA A 261 -5.47 -5.23 -20.22
CA ALA A 261 -4.79 -6.52 -20.06
C ALA A 261 -4.77 -7.26 -21.40
N LYS A 262 -5.88 -7.24 -22.13
CA LYS A 262 -6.02 -7.87 -23.47
C LYS A 262 -5.05 -7.19 -24.45
N TYR A 263 -5.04 -5.86 -24.51
CA TYR A 263 -4.20 -5.07 -25.45
C TYR A 263 -2.72 -5.34 -25.18
N ILE A 264 -2.31 -5.24 -23.92
CA ILE A 264 -0.90 -5.46 -23.48
C ILE A 264 -0.45 -6.86 -23.91
N CYS A 265 -1.34 -7.85 -23.81
CA CYS A 265 -1.03 -9.28 -24.09
C CYS A 265 -0.97 -9.56 -25.60
N GLU A 266 -1.59 -8.70 -26.42
CA GLU A 266 -1.65 -8.83 -27.90
C GLU A 266 -0.46 -8.10 -28.55
N ASN A 267 0.36 -7.37 -27.76
CA ASN A 267 1.48 -6.55 -28.28
C ASN A 267 2.70 -6.70 -27.36
N GLN A 268 2.92 -7.88 -26.80
CA GLN A 268 3.97 -8.11 -25.76
C GLN A 268 5.36 -8.00 -26.40
N ASP A 269 5.52 -8.46 -27.64
CA ASP A 269 6.81 -8.35 -28.38
C ASP A 269 7.21 -6.87 -28.52
N SER A 270 6.24 -5.95 -28.59
CA SER A 270 6.47 -4.48 -28.74
C SER A 270 6.34 -3.76 -27.38
N ILE A 271 6.20 -4.49 -26.26
CA ILE A 271 6.09 -3.92 -24.88
C ILE A 271 7.16 -4.55 -23.97
N SER A 272 7.12 -5.86 -23.75
CA SER A 272 8.07 -6.59 -22.86
C SER A 272 8.00 -8.11 -23.09
N SER A 273 9.13 -8.79 -22.87
CA SER A 273 9.29 -10.26 -22.98
C SER A 273 8.88 -10.96 -21.68
N LYS A 274 8.65 -10.19 -20.61
CA LYS A 274 8.37 -10.72 -19.24
C LYS A 274 6.85 -10.92 -19.04
N LEU A 275 6.04 -10.67 -20.06
CA LEU A 275 4.57 -10.82 -20.01
C LEU A 275 4.16 -12.21 -20.53
N LYS A 276 5.13 -13.08 -20.84
CA LYS A 276 4.91 -14.40 -21.47
C LYS A 276 3.93 -15.22 -20.61
N GLU A 277 4.19 -15.32 -19.31
CA GLU A 277 3.45 -16.19 -18.35
C GLU A 277 2.19 -15.49 -17.84
N CYS A 278 2.19 -14.15 -17.79
CA CYS A 278 1.01 -13.33 -17.39
C CYS A 278 -0.11 -13.50 -18.42
N CYS A 279 0.24 -13.55 -19.71
CA CYS A 279 -0.70 -13.61 -20.85
C CYS A 279 -1.12 -15.06 -21.13
N GLU A 280 -0.59 -15.99 -20.34
CA GLU A 280 -0.94 -17.44 -20.33
C GLU A 280 -2.22 -17.64 -19.51
N LYS A 281 -2.38 -16.83 -18.45
CA LYS A 281 -3.38 -17.02 -17.37
C LYS A 281 -4.78 -16.64 -17.85
N PRO A 282 -5.84 -16.92 -17.06
CA PRO A 282 -7.20 -16.50 -17.42
C PRO A 282 -7.38 -14.98 -17.37
N LEU A 283 -8.45 -14.50 -18.02
CA LEU A 283 -8.82 -13.07 -18.19
C LEU A 283 -8.63 -12.31 -16.87
N LEU A 284 -9.13 -12.86 -15.76
CA LEU A 284 -9.25 -12.16 -14.45
C LEU A 284 -7.86 -12.04 -13.79
N GLU A 285 -6.99 -13.02 -14.01
CA GLU A 285 -5.63 -13.08 -13.38
C GLU A 285 -4.63 -12.30 -14.23
N LYS A 286 -5.00 -11.98 -15.48
CA LYS A 286 -4.14 -11.21 -16.42
C LYS A 286 -3.86 -9.82 -15.83
N SER A 287 -4.90 -9.11 -15.41
CA SER A 287 -4.84 -7.75 -14.82
C SER A 287 -3.87 -7.74 -13.63
N HIS A 288 -3.95 -8.75 -12.76
CA HIS A 288 -3.19 -8.88 -11.50
C HIS A 288 -1.72 -9.19 -11.80
N CYS A 289 -1.47 -10.22 -12.62
CA CYS A 289 -0.11 -10.69 -12.99
C CYS A 289 0.68 -9.53 -13.62
N ILE A 290 0.09 -8.87 -14.63
CA ILE A 290 0.72 -7.78 -15.43
C ILE A 290 1.14 -6.63 -14.50
N ALA A 291 0.32 -6.31 -13.49
CA ALA A 291 0.51 -5.19 -12.55
C ALA A 291 1.80 -5.37 -11.73
N GLU A 292 2.15 -6.61 -11.39
CA GLU A 292 3.35 -6.96 -10.59
C GLU A 292 4.44 -7.56 -11.49
N VAL A 293 4.33 -7.40 -12.82
CA VAL A 293 5.26 -8.03 -13.81
C VAL A 293 6.67 -7.53 -13.55
N GLU A 294 7.66 -8.41 -13.64
CA GLU A 294 9.10 -8.13 -13.43
C GLU A 294 9.57 -7.15 -14.52
N ASN A 295 10.52 -6.26 -14.18
CA ASN A 295 11.14 -5.30 -15.13
C ASN A 295 11.85 -6.06 -16.26
N ASP A 296 11.59 -5.68 -17.51
CA ASP A 296 12.25 -6.23 -18.72
C ASP A 296 13.70 -5.72 -18.76
N GLU A 297 14.58 -6.42 -19.48
CA GLU A 297 16.00 -5.99 -19.69
C GLU A 297 15.99 -4.76 -20.60
N MET A 298 16.90 -3.80 -20.34
CA MET A 298 16.97 -2.53 -21.10
C MET A 298 17.91 -2.72 -22.30
N PRO A 299 17.57 -2.18 -23.49
CA PRO A 299 18.47 -2.28 -24.66
C PRO A 299 19.88 -1.76 -24.34
N ALA A 300 20.91 -2.55 -24.67
CA ALA A 300 22.33 -2.23 -24.44
C ALA A 300 22.77 -1.09 -25.39
N ASP A 301 22.21 -1.06 -26.61
CA ASP A 301 22.52 -0.04 -27.65
C ASP A 301 21.52 1.11 -27.52
N LEU A 302 21.56 1.84 -26.40
CA LEU A 302 20.73 3.03 -26.12
C LEU A 302 21.56 4.30 -26.32
N PRO A 303 21.07 5.30 -27.08
CA PRO A 303 21.76 6.59 -27.19
C PRO A 303 21.88 7.29 -25.83
N SER A 304 22.96 8.04 -25.62
CA SER A 304 23.20 8.87 -24.41
C SER A 304 22.08 9.89 -24.27
N LEU A 305 21.40 9.91 -23.11
CA LEU A 305 20.19 10.73 -22.88
C LEU A 305 20.58 12.21 -22.66
N ALA A 306 21.87 12.46 -22.40
CA ALA A 306 22.45 13.81 -22.19
C ALA A 306 22.62 14.53 -23.54
N ALA A 307 22.45 13.82 -24.67
CA ALA A 307 22.69 14.35 -26.03
C ALA A 307 21.48 15.17 -26.49
N ASP A 308 20.26 14.68 -26.24
CA ASP A 308 19.00 15.23 -26.79
C ASP A 308 18.35 16.20 -25.79
N PHE A 309 18.96 16.40 -24.62
CA PHE A 309 18.37 17.18 -23.50
C PHE A 309 19.34 18.23 -22.94
N VAL A 310 20.65 18.12 -23.21
CA VAL A 310 21.68 19.10 -22.75
C VAL A 310 22.62 19.45 -23.90
N GLU A 311 23.37 18.47 -24.42
CA GLU A 311 24.45 18.65 -25.43
C GLU A 311 23.89 19.26 -26.71
N SER A 312 22.62 18.98 -27.06
CA SER A 312 21.95 19.46 -28.29
C SER A 312 21.61 20.94 -28.17
N LYS A 313 21.55 21.65 -29.30
CA LYS A 313 21.22 23.09 -29.39
C LYS A 313 19.85 23.26 -30.06
N ASP A 314 19.01 22.22 -30.01
CA ASP A 314 17.59 22.25 -30.48
C ASP A 314 16.66 21.99 -29.29
N VAL A 315 17.19 21.96 -28.06
CA VAL A 315 16.44 21.57 -26.82
C VAL A 315 15.25 22.52 -26.63
N CYS A 316 15.50 23.83 -26.58
CA CYS A 316 14.47 24.90 -26.41
C CYS A 316 13.46 24.88 -27.55
N LYS A 317 13.94 24.69 -28.79
CA LYS A 317 13.10 24.59 -30.02
C LYS A 317 12.20 23.36 -29.91
N ASN A 318 12.74 22.21 -29.46
CA ASN A 318 12.02 20.92 -29.36
C ASN A 318 11.12 20.91 -28.11
N TYR A 319 11.38 21.80 -27.15
CA TYR A 319 10.59 21.98 -25.91
C TYR A 319 9.32 22.79 -26.22
N ALA A 320 9.47 23.86 -27.00
CA ALA A 320 8.39 24.80 -27.38
C ALA A 320 7.29 24.05 -28.13
N GLU A 321 7.67 23.12 -29.02
CA GLU A 321 6.74 22.36 -29.90
C GLU A 321 5.67 21.67 -29.05
N ALA A 322 6.06 20.97 -27.98
CA ALA A 322 5.16 20.22 -27.07
C ALA A 322 5.86 19.96 -25.73
N LYS A 323 5.72 20.88 -24.77
CA LYS A 323 6.43 20.87 -23.46
C LYS A 323 6.19 19.53 -22.74
N ASP A 324 4.92 19.17 -22.50
CA ASP A 324 4.53 17.96 -21.74
C ASP A 324 5.01 16.71 -22.49
N VAL A 325 4.89 16.69 -23.82
CA VAL A 325 5.36 15.56 -24.66
C VAL A 325 6.87 15.43 -24.46
N PHE A 326 7.61 16.55 -24.61
CA PHE A 326 9.09 16.63 -24.47
C PHE A 326 9.50 16.23 -23.04
N LEU A 327 8.81 16.73 -22.02
CA LEU A 327 9.03 16.38 -20.60
C LEU A 327 8.74 14.90 -20.37
N GLY A 328 7.68 14.38 -21.00
CA GLY A 328 7.32 12.95 -20.98
C GLY A 328 8.44 12.09 -21.55
N MET A 329 9.05 12.55 -22.66
CA MET A 329 10.16 11.84 -23.34
C MET A 329 11.38 11.82 -22.41
N PHE A 330 11.65 12.93 -21.74
CA PHE A 330 12.76 13.06 -20.75
C PHE A 330 12.59 12.00 -19.66
N LEU A 331 11.39 11.93 -19.05
CA LEU A 331 11.01 10.92 -18.03
C LEU A 331 11.23 9.51 -18.59
N TYR A 332 10.60 9.22 -19.74
CA TYR A 332 10.70 7.93 -20.48
C TYR A 332 12.17 7.51 -20.56
N GLU A 333 13.02 8.37 -21.11
CA GLU A 333 14.45 8.08 -21.40
C GLU A 333 15.21 7.86 -20.09
N TYR A 334 14.97 8.70 -19.08
CA TYR A 334 15.68 8.63 -17.77
C TYR A 334 15.21 7.40 -16.98
N ALA A 335 13.89 7.19 -16.94
CA ALA A 335 13.23 6.11 -16.15
C ALA A 335 13.72 4.74 -16.63
N ARG A 336 13.71 4.50 -17.95
CA ARG A 336 14.05 3.18 -18.55
C ARG A 336 15.55 2.89 -18.39
N ARG A 337 16.38 3.94 -18.30
CA ARG A 337 17.85 3.82 -18.11
C ARG A 337 18.19 3.59 -16.63
N HIS A 338 17.26 3.87 -15.71
CA HIS A 338 17.48 3.78 -14.24
C HIS A 338 16.29 3.12 -13.55
N PRO A 339 16.18 1.77 -13.58
CA PRO A 339 15.17 1.06 -12.81
C PRO A 339 15.56 0.92 -11.33
N ASP A 340 16.80 1.28 -10.99
CA ASP A 340 17.35 1.26 -9.60
C ASP A 340 16.96 2.55 -8.87
N TYR A 341 16.43 3.54 -9.59
CA TYR A 341 15.84 4.78 -9.03
C TYR A 341 14.39 4.52 -8.63
N SER A 342 13.95 5.13 -7.53
CA SER A 342 12.53 5.25 -7.12
C SER A 342 11.82 6.16 -8.13
N VAL A 343 10.51 5.94 -8.36
CA VAL A 343 9.66 6.80 -9.24
C VAL A 343 9.74 8.23 -8.72
N VAL A 344 9.76 8.39 -7.39
CA VAL A 344 9.76 9.70 -6.70
C VAL A 344 11.02 10.48 -7.09
N LEU A 345 12.20 9.84 -7.08
CA LEU A 345 13.50 10.48 -7.45
C LEU A 345 13.42 10.97 -8.89
N LEU A 346 12.91 10.14 -9.81
CA LEU A 346 12.78 10.45 -11.26
C LEU A 346 11.87 11.66 -11.45
N LEU A 347 10.88 11.86 -10.57
CA LEU A 347 9.96 13.02 -10.62
C LEU A 347 10.68 14.27 -10.09
N ARG A 348 11.58 14.12 -9.11
CA ARG A 348 12.47 15.21 -8.64
C ARG A 348 13.36 15.69 -9.80
N LEU A 349 13.91 14.75 -10.58
CA LEU A 349 14.80 15.04 -11.73
C LEU A 349 13.98 15.72 -12.83
N ALA A 350 12.83 15.12 -13.18
CA ALA A 350 11.86 15.62 -14.18
C ALA A 350 11.37 17.01 -13.77
N LYS A 351 11.12 17.22 -12.47
CA LYS A 351 10.72 18.53 -11.87
C LYS A 351 11.85 19.54 -12.10
N THR A 352 13.07 19.23 -11.66
CA THR A 352 14.27 20.08 -11.81
C THR A 352 14.44 20.47 -13.29
N TYR A 353 14.43 19.51 -14.21
CA TYR A 353 14.72 19.71 -15.64
C TYR A 353 13.73 20.71 -16.23
N GLU A 354 12.44 20.52 -15.95
CA GLU A 354 11.33 21.43 -16.35
C GLU A 354 11.66 22.85 -15.88
N THR A 355 11.84 23.01 -14.57
CA THR A 355 12.20 24.30 -13.90
C THR A 355 13.31 24.99 -14.68
N THR A 356 14.41 24.27 -14.93
CA THR A 356 15.65 24.78 -15.58
C THR A 356 15.35 25.19 -17.02
N LEU A 357 14.50 24.44 -17.74
CA LEU A 357 14.09 24.75 -19.13
C LEU A 357 13.12 25.96 -19.14
N GLU A 358 12.39 26.19 -18.04
CA GLU A 358 11.40 27.30 -17.95
C GLU A 358 12.12 28.65 -17.71
N LYS A 359 13.39 28.61 -17.31
CA LYS A 359 14.22 29.82 -17.06
C LYS A 359 15.26 29.98 -18.18
N CYS A 360 16.06 28.93 -18.43
CA CYS A 360 17.24 28.97 -19.34
C CYS A 360 16.81 29.20 -20.78
N CYS A 361 15.62 28.73 -21.19
CA CYS A 361 15.11 28.86 -22.58
C CYS A 361 14.62 30.29 -22.83
N ALA A 362 14.21 31.01 -21.78
CA ALA A 362 13.78 32.43 -21.84
C ALA A 362 14.98 33.36 -21.58
N ALA A 363 16.17 32.81 -21.34
CA ALA A 363 17.42 33.54 -21.05
C ALA A 363 18.11 33.95 -22.35
N ALA A 364 19.20 34.72 -22.23
CA ALA A 364 20.01 35.24 -23.36
C ALA A 364 20.69 34.07 -24.08
N ASP A 365 21.49 33.28 -23.36
CA ASP A 365 22.28 32.13 -23.89
C ASP A 365 21.81 30.85 -23.20
N PRO A 366 20.79 30.14 -23.76
CA PRO A 366 20.25 28.94 -23.12
C PRO A 366 21.26 27.79 -23.00
N HIS A 367 21.90 27.39 -24.10
CA HIS A 367 22.88 26.26 -24.15
C HIS A 367 24.03 26.51 -23.17
N GLU A 368 24.22 27.76 -22.75
CA GLU A 368 25.19 28.17 -21.70
C GLU A 368 24.54 27.99 -20.33
N CYS A 369 23.25 28.32 -20.21
CA CYS A 369 22.48 28.35 -18.94
C CYS A 369 22.22 26.92 -18.42
N TYR A 370 21.68 26.02 -19.25
CA TYR A 370 21.26 24.65 -18.84
C TYR A 370 22.37 23.63 -19.13
N ALA A 371 23.60 24.07 -19.37
CA ALA A 371 24.77 23.22 -19.66
C ALA A 371 25.06 22.29 -18.48
N LYS A 372 25.00 22.81 -17.25
CA LYS A 372 25.43 22.10 -16.01
C LYS A 372 24.21 21.49 -15.28
N VAL A 373 23.10 21.30 -15.98
CA VAL A 373 21.79 20.82 -15.41
C VAL A 373 21.96 19.43 -14.79
N PHE A 374 22.86 18.60 -15.33
CA PHE A 374 23.13 17.21 -14.88
C PHE A 374 23.96 17.20 -13.59
N ASP A 375 24.59 18.32 -13.22
CA ASP A 375 25.33 18.47 -11.95
C ASP A 375 24.34 18.77 -10.82
N GLU A 376 23.10 19.13 -11.17
CA GLU A 376 21.99 19.44 -10.22
C GLU A 376 21.27 18.14 -9.81
N PHE A 377 21.39 17.09 -10.63
CA PHE A 377 20.79 15.75 -10.41
C PHE A 377 21.65 14.94 -9.44
N LYS A 378 22.98 15.11 -9.52
CA LYS A 378 23.98 14.34 -8.73
C LYS A 378 23.58 14.36 -7.25
N PRO A 379 23.37 15.55 -6.62
CA PRO A 379 22.96 15.60 -5.22
C PRO A 379 21.55 15.00 -4.96
N LEU A 380 20.64 15.18 -5.91
CA LEU A 380 19.24 14.66 -5.86
C LEU A 380 19.26 13.11 -5.85
N VAL A 381 20.19 12.51 -6.60
CA VAL A 381 20.38 11.02 -6.69
C VAL A 381 21.16 10.53 -5.46
N GLU A 382 22.25 11.23 -5.09
CA GLU A 382 23.17 10.81 -4.00
C GLU A 382 22.43 10.78 -2.66
N GLU A 383 21.50 11.72 -2.46
CA GLU A 383 20.77 11.89 -1.16
C GLU A 383 20.14 10.55 -0.77
N PRO A 384 19.16 10.00 -1.52
CA PRO A 384 18.54 8.72 -1.15
C PRO A 384 19.53 7.53 -1.14
N GLN A 385 20.39 7.42 -2.16
CA GLN A 385 21.45 6.38 -2.24
C GLN A 385 22.27 6.37 -0.94
N ASN A 386 22.69 7.54 -0.46
CA ASN A 386 23.50 7.71 0.78
C ASN A 386 22.68 7.27 1.99
N LEU A 387 21.39 7.60 2.04
CA LEU A 387 20.48 7.23 3.16
C LEU A 387 20.33 5.71 3.22
N ILE A 388 20.11 5.08 2.07
CA ILE A 388 19.92 3.60 1.94
C ILE A 388 21.20 2.91 2.45
N LYS A 389 22.34 3.23 1.85
CA LYS A 389 23.65 2.58 2.12
C LYS A 389 24.00 2.73 3.60
N GLN A 390 23.81 3.93 4.16
CA GLN A 390 24.10 4.27 5.58
C GLN A 390 23.18 3.45 6.50
N ASN A 391 21.89 3.32 6.14
CA ASN A 391 20.86 2.67 6.97
C ASN A 391 20.93 1.14 6.87
N CYS A 392 21.21 0.61 5.68
CA CYS A 392 21.32 -0.86 5.43
C CYS A 392 22.60 -1.40 6.08
N GLU A 393 23.68 -0.61 6.08
CA GLU A 393 24.95 -0.94 6.78
C GLU A 393 24.66 -1.12 8.27
N LEU A 394 23.94 -0.16 8.87
CA LEU A 394 23.57 -0.13 10.30
C LEU A 394 22.64 -1.31 10.63
N PHE A 395 21.80 -1.72 9.67
CA PHE A 395 20.84 -2.86 9.82
C PHE A 395 21.62 -4.18 9.93
N GLU A 396 22.76 -4.29 9.24
CA GLU A 396 23.66 -5.48 9.29
C GLU A 396 24.35 -5.52 10.66
N GLN A 397 24.88 -4.38 11.12
CA GLN A 397 25.66 -4.24 12.39
C GLN A 397 24.82 -4.75 13.58
N LEU A 398 23.57 -4.29 13.69
CA LEU A 398 22.61 -4.70 14.73
C LEU A 398 21.67 -5.74 14.13
N GLY A 399 20.73 -6.27 14.91
CA GLY A 399 19.68 -7.18 14.42
C GLY A 399 18.61 -6.44 13.63
N GLU A 400 17.40 -7.00 13.56
CA GLU A 400 16.19 -6.30 13.06
C GLU A 400 15.55 -5.53 14.22
N TYR A 401 15.36 -6.23 15.35
CA TYR A 401 14.79 -5.67 16.61
C TYR A 401 15.68 -4.56 17.14
N LYS A 402 17.00 -4.75 17.07
CA LYS A 402 18.03 -3.79 17.57
C LYS A 402 18.07 -2.56 16.66
N PHE A 403 17.74 -2.74 15.38
CA PHE A 403 17.67 -1.65 14.36
C PHE A 403 16.41 -0.81 14.61
N GLN A 404 15.32 -1.46 15.02
CA GLN A 404 14.02 -0.82 15.39
C GLN A 404 14.25 0.09 16.61
N ASN A 405 15.07 -0.37 17.55
CA ASN A 405 15.45 0.39 18.78
C ASN A 405 16.24 1.63 18.39
N ALA A 406 17.12 1.52 17.38
CA ALA A 406 17.91 2.65 16.83
C ALA A 406 16.96 3.69 16.24
N LEU A 407 15.98 3.27 15.44
CA LEU A 407 14.95 4.15 14.83
C LEU A 407 14.06 4.75 15.93
N LEU A 408 13.62 3.93 16.89
CA LEU A 408 12.84 4.36 18.09
C LEU A 408 13.49 5.61 18.69
N VAL A 409 14.78 5.52 19.04
CA VAL A 409 15.57 6.63 19.67
C VAL A 409 15.64 7.80 18.67
N ARG A 410 16.06 7.51 17.43
CA ARG A 410 16.28 8.51 16.35
C ARG A 410 15.04 9.42 16.26
N TYR A 411 13.84 8.84 16.08
CA TYR A 411 12.60 9.58 15.71
C TYR A 411 11.90 10.15 16.94
N THR A 412 12.04 9.52 18.11
CA THR A 412 11.48 10.06 19.38
C THR A 412 12.19 11.38 19.68
N LYS A 413 13.52 11.42 19.53
CA LYS A 413 14.35 12.64 19.75
C LYS A 413 13.95 13.73 18.74
N LYS A 414 13.59 13.35 17.51
CA LYS A 414 13.21 14.29 16.42
C LYS A 414 11.84 14.93 16.74
N VAL A 415 10.82 14.12 17.06
CA VAL A 415 9.44 14.59 17.35
C VAL A 415 8.92 13.89 18.60
N PRO A 416 9.33 14.33 19.82
CA PRO A 416 8.98 13.65 21.06
C PRO A 416 7.52 13.84 21.48
N GLN A 417 6.79 14.71 20.78
CA GLN A 417 5.38 15.04 21.07
C GLN A 417 4.47 13.91 20.55
N VAL A 418 4.90 13.18 19.51
CA VAL A 418 4.13 12.08 18.86
C VAL A 418 3.83 11.00 19.91
N SER A 419 2.63 10.43 19.89
CA SER A 419 2.18 9.39 20.86
C SER A 419 3.07 8.15 20.71
N THR A 420 3.40 7.50 21.83
CA THR A 420 4.29 6.32 21.93
C THR A 420 3.82 5.25 20.94
N PRO A 421 2.53 4.83 20.95
CA PRO A 421 2.06 3.79 20.03
C PRO A 421 2.35 4.12 18.56
N THR A 422 2.10 5.35 18.12
CA THR A 422 2.41 5.81 16.74
C THR A 422 3.92 5.69 16.48
N LEU A 423 4.75 6.06 17.47
CA LEU A 423 6.23 6.03 17.34
C LEU A 423 6.71 4.58 17.28
N VAL A 424 6.15 3.71 18.11
CA VAL A 424 6.48 2.25 18.14
C VAL A 424 6.09 1.63 16.80
N GLU A 425 4.80 1.75 16.43
CA GLU A 425 4.23 1.18 15.19
C GLU A 425 5.08 1.59 13.98
N VAL A 426 5.38 2.88 13.84
CA VAL A 426 6.10 3.45 12.67
C VAL A 426 7.53 2.88 12.63
N SER A 427 8.24 2.88 13.76
CA SER A 427 9.66 2.44 13.87
C SER A 427 9.79 0.94 13.58
N ARG A 428 8.90 0.12 14.16
CA ARG A 428 8.87 -1.35 13.96
C ARG A 428 8.69 -1.65 12.46
N ASN A 429 7.68 -1.04 11.83
CA ASN A 429 7.38 -1.15 10.38
C ASN A 429 8.62 -0.75 9.56
N LEU A 430 9.27 0.35 9.95
CA LEU A 430 10.43 0.94 9.22
C LEU A 430 11.64 0.02 9.37
N GLY A 431 11.74 -0.71 10.49
CA GLY A 431 12.76 -1.74 10.72
C GLY A 431 12.57 -2.93 9.78
N LYS A 432 11.32 -3.29 9.51
CA LYS A 432 10.94 -4.44 8.65
C LYS A 432 11.21 -4.10 7.18
N VAL A 433 11.15 -2.81 6.82
CA VAL A 433 11.51 -2.29 5.47
C VAL A 433 13.00 -2.57 5.22
N GLY A 434 13.83 -2.32 6.24
CA GLY A 434 15.28 -2.58 6.21
C GLY A 434 15.58 -4.04 5.90
N SER A 435 14.91 -4.96 6.58
CA SER A 435 15.13 -6.43 6.48
C SER A 435 14.51 -6.99 5.19
N LYS A 436 13.60 -6.25 4.53
CA LYS A 436 12.91 -6.69 3.28
C LYS A 436 13.55 -6.04 2.04
N CYS A 437 14.45 -5.06 2.20
CA CYS A 437 15.07 -4.30 1.09
C CYS A 437 16.60 -4.46 1.08
N CYS A 438 17.25 -4.44 2.24
CA CYS A 438 18.73 -4.56 2.37
C CYS A 438 19.21 -5.94 1.91
N LYS A 439 18.31 -6.92 1.77
CA LYS A 439 18.60 -8.30 1.27
C LYS A 439 18.99 -8.24 -0.22
N HIS A 440 18.47 -7.26 -0.96
CA HIS A 440 18.76 -7.01 -2.39
C HIS A 440 20.06 -6.20 -2.50
N PRO A 441 20.66 -6.09 -3.71
CA PRO A 441 21.77 -5.16 -3.93
C PRO A 441 21.25 -3.75 -4.25
N GLU A 442 22.17 -2.79 -4.45
CA GLU A 442 21.89 -1.34 -4.60
C GLU A 442 20.86 -1.10 -5.73
N ALA A 443 20.87 -1.94 -6.76
CA ALA A 443 20.08 -1.74 -8.00
C ALA A 443 18.58 -2.04 -7.79
N LYS A 444 18.19 -2.57 -6.61
CA LYS A 444 16.78 -2.91 -6.29
C LYS A 444 16.31 -2.22 -5.00
N ARG A 445 17.25 -1.80 -4.14
CA ARG A 445 16.96 -1.31 -2.76
C ARG A 445 16.04 -0.08 -2.80
N MET A 446 16.32 0.92 -3.65
CA MET A 446 15.62 2.22 -3.60
C MET A 446 14.15 2.04 -3.99
N PRO A 447 13.83 1.37 -5.13
CA PRO A 447 12.43 1.09 -5.48
C PRO A 447 11.71 0.23 -4.43
N CYS A 448 12.41 -0.75 -3.85
CA CYS A 448 11.93 -1.60 -2.73
C CYS A 448 11.53 -0.70 -1.56
N ALA A 449 12.45 0.16 -1.11
CA ALA A 449 12.26 1.11 0.01
C ALA A 449 11.05 2.01 -0.26
N GLU A 450 11.02 2.66 -1.43
CA GLU A 450 9.94 3.59 -1.87
C GLU A 450 8.58 2.96 -1.64
N ASP A 451 8.38 1.75 -2.18
CA ASP A 451 7.12 0.95 -2.08
C ASP A 451 6.61 0.96 -0.64
N TYR A 452 7.43 0.48 0.29
CA TYR A 452 7.07 0.28 1.72
C TYR A 452 6.98 1.63 2.43
N LEU A 453 7.97 2.53 2.21
CA LEU A 453 8.01 3.86 2.86
C LEU A 453 6.73 4.65 2.52
N SER A 454 6.33 4.65 1.24
CA SER A 454 5.12 5.37 0.75
C SER A 454 3.92 5.08 1.66
N VAL A 455 3.71 3.81 2.01
CA VAL A 455 2.50 3.34 2.76
C VAL A 455 2.72 3.55 4.26
N VAL A 456 3.96 3.41 4.75
CA VAL A 456 4.33 3.62 6.18
C VAL A 456 4.23 5.12 6.51
N LEU A 457 4.68 5.99 5.60
CA LEU A 457 4.70 7.46 5.83
C LEU A 457 3.27 8.01 5.71
N ASN A 458 2.40 7.33 4.95
CA ASN A 458 0.99 7.77 4.75
C ASN A 458 0.16 7.40 5.97
N GLN A 459 0.37 6.22 6.57
CA GLN A 459 -0.36 5.80 7.79
C GLN A 459 -0.02 6.79 8.92
N LEU A 460 1.24 7.18 9.06
CA LEU A 460 1.73 8.15 10.08
C LEU A 460 1.01 9.49 9.87
N CYS A 461 1.00 9.98 8.62
CA CYS A 461 0.33 11.23 8.19
C CYS A 461 -1.17 11.17 8.52
N VAL A 462 -1.82 10.03 8.28
CA VAL A 462 -3.27 9.81 8.58
C VAL A 462 -3.46 9.77 10.10
N LEU A 463 -2.59 9.04 10.82
CA LEU A 463 -2.61 8.94 12.30
C LEU A 463 -2.45 10.34 12.91
N HIS A 464 -1.46 11.10 12.43
CA HIS A 464 -1.14 12.47 12.91
C HIS A 464 -2.26 13.46 12.57
N GLU A 465 -3.04 13.20 11.52
CA GLU A 465 -4.14 14.13 11.10
C GLU A 465 -5.32 14.00 12.08
N LYS A 466 -5.53 12.81 12.63
CA LYS A 466 -6.57 12.54 13.67
C LYS A 466 -6.08 13.07 15.03
N THR A 467 -4.76 13.20 15.20
CA THR A 467 -4.09 13.68 16.45
C THR A 467 -2.98 14.66 16.07
N PRO A 468 -3.30 15.89 15.63
CA PRO A 468 -2.29 16.89 15.27
C PRO A 468 -1.47 17.26 16.51
N VAL A 469 -0.14 17.33 16.36
CA VAL A 469 0.82 17.44 17.50
C VAL A 469 2.02 18.32 17.08
N SER A 470 2.56 18.12 15.88
CA SER A 470 3.74 18.86 15.34
C SER A 470 3.37 19.52 14.00
N ASP A 471 3.61 20.84 13.90
CA ASP A 471 3.46 21.63 12.65
C ASP A 471 4.46 21.12 11.59
N ARG A 472 5.63 20.65 12.03
CA ARG A 472 6.70 20.11 11.14
C ARG A 472 6.18 18.87 10.41
N VAL A 473 5.58 17.93 11.14
CA VAL A 473 4.98 16.68 10.58
C VAL A 473 3.80 17.05 9.67
N THR A 474 2.99 18.05 10.04
CA THR A 474 1.89 18.55 9.18
C THR A 474 2.49 19.05 7.87
N LYS A 475 3.57 19.84 7.94
CA LYS A 475 4.24 20.42 6.74
C LYS A 475 4.65 19.26 5.82
N CYS A 476 5.27 18.22 6.37
CA CYS A 476 5.80 17.03 5.64
C CYS A 476 4.66 16.27 4.94
N CYS A 477 3.51 16.17 5.59
CA CYS A 477 2.31 15.41 5.13
C CYS A 477 1.51 16.21 4.11
N THR A 478 1.47 17.54 4.23
CA THR A 478 0.66 18.44 3.35
C THR A 478 1.48 18.89 2.13
N GLU A 479 2.81 18.84 2.19
CA GLU A 479 3.71 19.31 1.10
C GLU A 479 3.64 18.32 -0.08
N SER A 480 4.27 18.68 -1.20
CA SER A 480 4.48 17.81 -2.39
C SER A 480 4.75 16.37 -1.94
N LEU A 481 4.08 15.40 -2.56
CA LEU A 481 4.19 13.95 -2.24
C LEU A 481 5.61 13.46 -2.60
N VAL A 482 6.23 14.09 -3.60
CA VAL A 482 7.60 13.77 -4.06
C VAL A 482 8.60 14.04 -2.93
N ASN A 483 8.46 15.17 -2.22
CA ASN A 483 9.40 15.62 -1.18
C ASN A 483 8.91 15.19 0.21
N ARG A 484 7.92 14.29 0.30
CA ARG A 484 7.37 13.79 1.59
C ARG A 484 8.51 13.15 2.41
N ARG A 485 9.23 12.19 1.81
CA ARG A 485 10.30 11.42 2.50
C ARG A 485 11.46 12.35 2.83
N PRO A 486 12.01 13.13 1.87
CA PRO A 486 13.04 14.12 2.17
C PRO A 486 12.69 15.05 3.36
N CYS A 487 11.43 15.47 3.46
CA CYS A 487 10.93 16.36 4.54
C CYS A 487 11.14 15.68 5.90
N PHE A 488 10.76 14.40 6.02
CA PHE A 488 10.91 13.59 7.26
C PHE A 488 12.39 13.38 7.57
N SER A 489 13.19 13.09 6.54
CA SER A 489 14.68 12.92 6.63
C SER A 489 15.30 14.22 7.15
N ALA A 490 14.83 15.38 6.67
CA ALA A 490 15.36 16.72 6.99
C ALA A 490 14.98 17.15 8.42
N LEU A 491 14.01 16.47 9.06
CA LEU A 491 13.56 16.80 10.45
C LEU A 491 14.79 16.82 11.36
N GLU A 492 14.95 17.88 12.15
CA GLU A 492 16.05 18.03 13.15
C GLU A 492 15.53 17.59 14.52
N VAL A 493 16.45 17.34 15.45
CA VAL A 493 16.13 17.02 16.88
C VAL A 493 15.45 18.25 17.50
N ASP A 494 14.35 18.06 18.21
CA ASP A 494 13.63 19.16 18.92
C ASP A 494 14.47 19.58 20.13
N GLU A 495 15.05 20.78 20.10
CA GLU A 495 15.90 21.34 21.18
C GLU A 495 15.02 22.11 22.18
N THR A 496 13.86 22.60 21.74
CA THR A 496 12.82 23.28 22.58
C THR A 496 12.27 22.33 23.65
N TYR A 497 12.15 21.03 23.34
CA TYR A 497 11.41 20.01 24.13
C TYR A 497 11.94 19.97 25.57
N VAL A 498 11.01 19.98 26.54
CA VAL A 498 11.28 19.84 27.99
C VAL A 498 10.94 18.40 28.39
N PRO A 499 11.88 17.64 28.99
CA PRO A 499 11.62 16.24 29.37
C PRO A 499 10.29 16.03 30.11
N LYS A 500 9.61 14.93 29.78
CA LYS A 500 8.48 14.36 30.55
C LYS A 500 9.00 14.03 31.96
N GLU A 501 8.16 14.17 32.98
CA GLU A 501 8.54 13.87 34.39
C GLU A 501 8.51 12.34 34.58
N PHE A 502 9.35 11.83 35.48
CA PHE A 502 9.47 10.38 35.80
C PHE A 502 8.13 9.87 36.35
N ASN A 503 7.59 8.82 35.74
CA ASN A 503 6.29 8.19 36.08
C ASN A 503 6.53 6.72 36.43
N ALA A 504 6.44 6.38 37.73
CA ALA A 504 6.68 5.02 38.29
C ALA A 504 5.88 3.97 37.50
N GLU A 505 4.59 4.24 37.25
CA GLU A 505 3.65 3.34 36.53
C GLU A 505 4.23 2.96 35.15
N THR A 506 4.78 3.94 34.43
CA THR A 506 5.34 3.77 33.06
C THR A 506 6.52 2.79 33.07
N PHE A 507 7.33 2.78 34.13
CA PHE A 507 8.58 1.98 34.24
C PHE A 507 8.46 0.92 35.34
N THR A 508 7.30 0.29 35.46
CA THR A 508 7.04 -0.85 36.39
C THR A 508 6.54 -2.06 35.60
N PHE A 509 7.34 -3.13 35.57
CA PHE A 509 7.05 -4.42 34.89
C PHE A 509 6.92 -5.51 35.98
N HIS A 510 6.17 -6.56 35.68
CA HIS A 510 5.88 -7.68 36.63
C HIS A 510 6.33 -9.00 36.00
N ALA A 511 5.89 -10.13 36.59
CA ALA A 511 6.18 -11.51 36.11
C ALA A 511 5.26 -11.85 34.92
N ASP A 512 4.22 -11.04 34.69
CA ASP A 512 3.21 -11.19 33.61
C ASP A 512 3.87 -11.09 32.23
N ILE A 513 5.02 -10.41 32.12
CA ILE A 513 5.73 -10.14 30.83
C ILE A 513 6.41 -11.41 30.33
N CYS A 514 6.73 -12.35 31.22
CA CYS A 514 7.41 -13.64 30.90
C CYS A 514 6.50 -14.54 30.05
N THR A 515 5.19 -14.40 30.18
CA THR A 515 4.15 -15.20 29.46
C THR A 515 3.59 -14.40 28.29
N LEU A 516 4.37 -13.46 27.74
CA LEU A 516 4.01 -12.69 26.52
C LEU A 516 4.80 -13.26 25.33
N SER A 517 4.17 -13.34 24.15
CA SER A 517 4.78 -13.73 22.86
C SER A 517 5.92 -12.75 22.53
N GLU A 518 6.93 -13.20 21.77
CA GLU A 518 8.12 -12.38 21.38
C GLU A 518 7.67 -10.99 20.92
N LYS A 519 6.63 -10.93 20.07
CA LYS A 519 6.02 -9.67 19.57
C LYS A 519 5.51 -8.83 20.75
N GLU A 520 4.68 -9.42 21.62
CA GLU A 520 4.10 -8.76 22.83
C GLU A 520 5.24 -8.20 23.71
N GLU A 521 6.20 -9.05 24.06
CA GLU A 521 7.39 -8.69 24.90
C GLU A 521 8.13 -7.51 24.27
N GLN A 522 8.50 -7.64 22.99
CA GLN A 522 9.25 -6.60 22.21
C GLN A 522 8.52 -5.26 22.31
N ILE A 523 7.22 -5.23 22.00
CA ILE A 523 6.38 -4.00 21.98
C ILE A 523 6.33 -3.39 23.39
N LYS A 524 6.27 -4.23 24.43
CA LYS A 524 6.30 -3.79 25.86
C LYS A 524 7.65 -3.11 26.14
N LYS A 525 8.75 -3.72 25.70
CA LYS A 525 10.14 -3.23 25.90
C LYS A 525 10.38 -1.97 25.07
N GLN A 526 9.89 -1.95 23.83
CA GLN A 526 10.09 -0.85 22.85
C GLN A 526 9.26 0.37 23.28
N THR A 527 8.05 0.15 23.82
CA THR A 527 7.17 1.20 24.42
C THR A 527 7.94 1.87 25.57
N ALA A 528 8.57 1.07 26.44
CA ALA A 528 9.37 1.54 27.60
C ALA A 528 10.56 2.36 27.13
N LEU A 529 11.16 2.01 25.99
CA LEU A 529 12.33 2.71 25.39
C LEU A 529 11.91 4.10 24.92
N VAL A 530 10.79 4.20 24.20
CA VAL A 530 10.24 5.50 23.69
C VAL A 530 10.03 6.42 24.90
N GLU A 531 9.40 5.90 25.95
CA GLU A 531 9.05 6.66 27.18
C GLU A 531 10.32 7.05 27.95
N LEU A 532 11.37 6.24 27.86
CA LEU A 532 12.72 6.55 28.41
C LEU A 532 13.31 7.77 27.70
N VAL A 533 13.25 7.81 26.36
CA VAL A 533 13.79 8.93 25.54
C VAL A 533 12.92 10.18 25.76
N LYS A 534 11.59 10.02 25.89
CA LYS A 534 10.66 11.15 26.14
C LYS A 534 10.94 11.77 27.51
N HIS A 535 11.52 11.00 28.43
CA HIS A 535 11.92 11.42 29.81
C HIS A 535 13.41 11.80 29.86
N LYS A 536 14.25 11.25 28.96
CA LYS A 536 15.71 11.53 28.89
C LYS A 536 16.11 11.75 27.43
N PRO A 537 15.60 12.82 26.79
CA PRO A 537 15.81 13.03 25.35
C PRO A 537 17.22 13.47 24.93
N LYS A 538 18.09 13.78 25.89
CA LYS A 538 19.48 14.24 25.63
C LYS A 538 20.47 13.23 26.22
N ALA A 539 20.02 12.01 26.51
CA ALA A 539 20.86 10.84 26.85
C ALA A 539 21.49 10.31 25.56
N THR A 540 22.77 9.97 25.60
CA THR A 540 23.56 9.55 24.41
C THR A 540 23.18 8.12 24.00
N LYS A 541 23.41 7.76 22.74
CA LYS A 541 23.29 6.37 22.21
C LYS A 541 24.02 5.42 23.17
N GLU A 542 25.15 5.86 23.72
CA GLU A 542 25.96 5.16 24.75
C GLU A 542 25.09 4.82 25.97
N GLN A 543 24.50 5.86 26.59
CA GLN A 543 23.79 5.75 27.89
C GLN A 543 22.46 4.98 27.72
N LEU A 544 21.77 5.18 26.60
CA LEU A 544 20.52 4.45 26.23
C LEU A 544 20.83 2.96 26.09
N LYS A 545 21.82 2.62 25.26
CA LYS A 545 22.34 1.24 25.04
C LYS A 545 22.64 0.60 26.40
N ALA A 546 23.27 1.34 27.32
CA ALA A 546 23.65 0.88 28.68
C ALA A 546 22.41 0.47 29.46
N VAL A 547 21.36 1.31 29.47
CA VAL A 547 20.09 1.05 30.21
C VAL A 547 19.30 -0.07 29.51
N MET A 548 19.21 -0.01 28.18
CA MET A 548 18.53 -1.04 27.34
C MET A 548 19.12 -2.42 27.64
N ASP A 549 20.46 -2.56 27.61
CA ASP A 549 21.21 -3.81 27.87
C ASP A 549 20.99 -4.23 29.33
N ASP A 550 21.22 -3.31 30.28
CA ASP A 550 20.97 -3.51 31.73
C ASP A 550 19.53 -4.01 31.93
N PHE A 551 18.58 -3.50 31.14
CA PHE A 551 17.14 -3.84 31.18
C PHE A 551 16.90 -5.18 30.47
N ALA A 552 17.63 -5.43 29.37
CA ALA A 552 17.57 -6.68 28.58
C ALA A 552 18.07 -7.85 29.43
N ALA A 553 19.24 -7.68 30.06
CA ALA A 553 19.85 -8.64 31.02
C ALA A 553 18.90 -8.83 32.20
N PHE A 554 18.26 -7.74 32.66
CA PHE A 554 17.35 -7.69 33.82
C PHE A 554 16.17 -8.66 33.61
N VAL A 555 15.54 -8.62 32.43
CA VAL A 555 14.33 -9.45 32.11
C VAL A 555 14.77 -10.90 31.91
N GLU A 556 15.84 -11.15 31.17
CA GLU A 556 16.37 -12.51 30.87
C GLU A 556 17.20 -13.03 32.06
N LYS A 557 16.86 -12.61 33.29
CA LYS A 557 17.54 -13.01 34.54
C LYS A 557 16.51 -13.47 35.59
N CYS A 558 15.26 -12.98 35.54
CA CYS A 558 14.18 -13.41 36.47
C CYS A 558 13.09 -14.19 35.72
N CYS A 559 12.90 -13.96 34.42
CA CYS A 559 11.95 -14.73 33.57
C CYS A 559 12.44 -16.18 33.48
N LYS A 560 11.70 -17.12 34.08
CA LYS A 560 12.11 -18.53 34.30
C LYS A 560 13.24 -18.54 35.34
N ALA A 561 12.97 -18.02 36.54
CA ALA A 561 13.87 -18.02 37.71
C ALA A 561 13.07 -18.29 38.99
N ASP A 562 13.77 -18.66 40.08
CA ASP A 562 13.18 -18.99 41.40
C ASP A 562 12.52 -17.73 41.99
N ASP A 563 11.20 -17.61 41.84
CA ASP A 563 10.38 -16.43 42.23
C ASP A 563 10.77 -15.24 41.34
N LYS A 564 10.00 -15.00 40.27
CA LYS A 564 10.24 -13.96 39.25
C LYS A 564 9.40 -12.70 39.55
N GLU A 565 8.44 -12.80 40.48
CA GLU A 565 7.49 -11.72 40.82
C GLU A 565 8.18 -10.67 41.71
N THR A 566 9.06 -11.11 42.61
CA THR A 566 9.83 -10.25 43.57
C THR A 566 11.11 -9.77 42.90
N CYS A 567 11.79 -10.66 42.15
CA CYS A 567 13.03 -10.34 41.36
C CYS A 567 12.82 -9.09 40.50
N PHE A 568 11.70 -9.03 39.78
CA PHE A 568 11.38 -7.96 38.79
C PHE A 568 10.89 -6.69 39.50
N ALA A 569 10.51 -6.79 40.79
CA ALA A 569 10.04 -5.67 41.63
C ALA A 569 11.19 -5.12 42.48
N GLU A 570 11.95 -6.00 43.13
CA GLU A 570 13.05 -5.65 44.08
C GLU A 570 14.27 -5.13 43.30
N GLU A 571 14.83 -5.97 42.43
CA GLU A 571 16.04 -5.65 41.60
C GLU A 571 15.66 -4.67 40.48
N GLY A 572 14.39 -4.64 40.07
CA GLY A 572 13.86 -3.68 39.07
C GLY A 572 13.98 -2.24 39.54
N LYS A 573 13.70 -1.98 40.81
CA LYS A 573 13.80 -0.63 41.44
C LYS A 573 15.26 -0.18 41.46
N LYS A 574 16.20 -1.10 41.70
CA LYS A 574 17.67 -0.82 41.73
C LYS A 574 18.11 -0.31 40.36
N LEU A 575 17.65 -0.96 39.29
CA LEU A 575 17.95 -0.60 37.87
C LEU A 575 17.54 0.87 37.62
N VAL A 576 16.32 1.23 38.03
CA VAL A 576 15.74 2.60 37.88
C VAL A 576 16.68 3.59 38.61
N ALA A 577 17.03 3.29 39.85
CA ALA A 577 17.95 4.07 40.71
C ALA A 577 19.34 4.14 40.06
N ALA A 578 19.81 3.02 39.50
CA ALA A 578 21.13 2.91 38.84
C ALA A 578 21.15 3.74 37.56
N SER A 579 20.01 3.82 36.85
CA SER A 579 19.80 4.66 35.65
C SER A 579 19.65 6.12 36.05
N GLN A 580 19.01 6.38 37.19
CA GLN A 580 18.71 7.75 37.73
C GLN A 580 19.96 8.40 38.32
N ALA A 581 21.10 7.69 38.33
CA ALA A 581 22.42 8.22 38.79
C ALA A 581 23.25 8.69 37.60
N ALA A 582 23.14 8.02 36.45
CA ALA A 582 23.92 8.26 35.22
C ALA A 582 23.24 9.28 34.32
N LEU A 583 21.92 9.47 34.49
CA LEU A 583 21.09 10.42 33.69
C LEU A 583 20.56 11.54 34.61
N GLY A 584 21.41 12.05 35.50
CA GLY A 584 21.13 13.20 36.38
C GLY A 584 19.91 12.95 37.25
Y YT3 B . -14.67 -30.77 2.38
Y YT3 C . -18.00 5.75 -15.94
#